data_1YQH
#
_entry.id   1YQH
#
_cell.length_a   76.716
_cell.length_b   55.175
_cell.length_c   49.875
_cell.angle_alpha   90.00
_cell.angle_beta   120.39
_cell.angle_gamma   90.00
#
_symmetry.space_group_name_H-M   'C 1 2 1'
#
loop_
_entity.id
_entity.type
_entity.pdbx_description
1 polymer 'IG hypothetical 16092'
2 water water
#
_entity_poly.entity_id   1
_entity_poly.type   'polypeptide(L)'
_entity_poly.pdbx_seq_one_letter_code
;SNA(MSE)SQQVT(MSE)SFSVVPQAKTKDVYSVVDKAIEVVQQSGVRYEVGA(MSE)ETTLEGELDVLLDVVKRAQQAC
VDAGAEEVITSIKIHYRPSTGVTIDEKVWKYRDEYAKPEAI
;
_entity_poly.pdbx_strand_id   A,B
#
# COMPACT_ATOMS: atom_id res chain seq x y z
N SER A 1 -8.42 21.83 2.89
CA SER A 1 -7.21 22.27 2.13
C SER A 1 -7.67 22.91 0.83
N ASN A 2 -6.71 23.48 0.10
CA ASN A 2 -6.95 23.94 -1.28
C ASN A 2 -5.76 23.57 -2.16
N ALA A 3 -5.77 23.97 -3.43
CA ALA A 3 -4.75 23.54 -4.39
C ALA A 3 -3.34 24.05 -4.05
N SER A 5 -2.21 24.08 -0.79
CA SER A 5 -1.75 23.29 0.35
C SER A 5 -0.63 22.34 -0.04
N GLN A 6 0.27 22.05 0.90
CA GLN A 6 1.33 21.08 0.62
C GLN A 6 0.71 19.70 0.39
N GLN A 7 1.36 18.91 -0.45
N GLN A 7 1.39 18.90 -0.44
CA GLN A 7 0.82 17.60 -0.83
CA GLN A 7 0.88 17.59 -0.85
C GLN A 7 0.81 16.64 0.36
C GLN A 7 0.87 16.58 0.30
N VAL A 8 -0.12 15.70 0.31
CA VAL A 8 -0.05 14.51 1.16
C VAL A 8 0.17 13.32 0.24
N THR A 9 0.64 12.23 0.81
CA THR A 9 0.63 10.94 0.17
C THR A 9 -0.31 10.05 1.00
N SER A 11 -2.54 6.00 1.02
CA SER A 11 -2.98 4.78 0.35
C SER A 11 -4.36 4.41 0.85
N PHE A 12 -5.09 3.66 0.04
CA PHE A 12 -6.40 3.20 0.48
C PHE A 12 -6.76 1.91 -0.22
N SER A 13 -7.70 1.20 0.39
CA SER A 13 -8.29 0.04 -0.25
C SER A 13 -9.77 -0.05 0.12
N VAL A 14 -10.53 -0.72 -0.75
CA VAL A 14 -11.94 -1.03 -0.48
C VAL A 14 -12.14 -2.54 -0.56
N VAL A 15 -12.81 -3.09 0.45
CA VAL A 15 -13.15 -4.52 0.45
C VAL A 15 -14.67 -4.58 0.53
N PRO A 16 -15.32 -4.85 -0.60
CA PRO A 16 -16.78 -4.84 -0.66
C PRO A 16 -17.42 -6.19 -0.36
N GLN A 17 -18.67 -6.13 0.09
CA GLN A 17 -19.54 -7.31 0.13
C GLN A 17 -20.64 -7.06 -0.90
N ALA A 18 -20.73 -7.96 -1.86
CA ALA A 18 -21.75 -7.84 -2.92
C ALA A 18 -22.45 -9.18 -3.14
N LYS A 19 -23.77 -9.20 -3.00
CA LYS A 19 -24.57 -10.42 -3.11
C LYS A 19 -24.60 -11.03 -4.53
N THR A 20 -24.52 -10.20 -5.56
CA THR A 20 -24.64 -10.71 -6.94
C THR A 20 -23.53 -10.27 -7.89
N LYS A 21 -22.40 -9.83 -7.34
CA LYS A 21 -21.26 -9.40 -8.16
C LYS A 21 -19.97 -10.02 -7.63
N ASP A 22 -19.03 -10.27 -8.55
CA ASP A 22 -17.68 -10.66 -8.19
C ASP A 22 -16.96 -9.47 -7.58
N VAL A 23 -16.13 -9.72 -6.56
CA VAL A 23 -15.38 -8.66 -5.87
C VAL A 23 -14.61 -7.79 -6.86
N TYR A 24 -13.91 -8.41 -7.80
CA TYR A 24 -13.08 -7.66 -8.76
C TYR A 24 -13.92 -6.71 -9.62
N SER A 25 -15.16 -7.10 -9.94
CA SER A 25 -16.05 -6.25 -10.74
C SER A 25 -16.40 -4.95 -10.00
N VAL A 26 -16.61 -5.08 -8.70
CA VAL A 26 -16.99 -3.97 -7.84
C VAL A 26 -15.76 -3.09 -7.62
N VAL A 27 -14.63 -3.71 -7.30
CA VAL A 27 -13.39 -2.97 -7.09
C VAL A 27 -12.98 -2.16 -8.35
N ASP A 28 -13.24 -2.72 -9.53
N ASP A 28 -13.21 -2.74 -9.54
CA ASP A 28 -12.89 -2.02 -10.77
CA ASP A 28 -12.98 -2.05 -10.82
C ASP A 28 -13.59 -0.65 -10.91
C ASP A 28 -13.52 -0.63 -10.76
N LYS A 29 -14.77 -0.52 -10.32
CA LYS A 29 -15.49 0.75 -10.34
C LYS A 29 -14.87 1.75 -9.35
N ALA A 30 -14.36 1.25 -8.23
CA ALA A 30 -13.64 2.09 -7.29
C ALA A 30 -12.34 2.60 -7.92
N ILE A 31 -11.59 1.71 -8.56
CA ILE A 31 -10.34 2.15 -9.21
C ILE A 31 -10.62 3.13 -10.35
N GLU A 32 -11.75 2.94 -11.05
CA GLU A 32 -12.15 3.90 -12.10
C GLU A 32 -12.26 5.32 -11.55
N VAL A 33 -12.79 5.47 -10.34
CA VAL A 33 -12.86 6.78 -9.71
C VAL A 33 -11.45 7.38 -9.60
N VAL A 34 -10.50 6.57 -9.14
CA VAL A 34 -9.10 7.01 -9.02
C VAL A 34 -8.57 7.39 -10.39
N GLN A 35 -8.85 6.55 -11.38
CA GLN A 35 -8.30 6.77 -12.73
C GLN A 35 -8.83 8.06 -13.33
N GLN A 36 -10.09 8.37 -13.04
CA GLN A 36 -10.75 9.55 -13.58
C GLN A 36 -10.51 10.85 -12.80
N SER A 37 -9.79 10.77 -11.68
CA SER A 37 -9.65 11.93 -10.77
C SER A 37 -8.67 12.99 -11.20
N GLY A 38 -7.64 12.59 -11.95
CA GLY A 38 -6.54 13.50 -12.32
C GLY A 38 -5.31 13.47 -11.42
N VAL A 39 -5.41 12.86 -10.23
CA VAL A 39 -4.26 12.86 -9.31
C VAL A 39 -3.30 11.75 -9.67
N ARG A 40 -2.02 11.96 -9.34
CA ARG A 40 -1.03 10.90 -9.48
C ARG A 40 -1.39 9.70 -8.59
N TYR A 41 -1.32 8.49 -9.13
CA TYR A 41 -1.62 7.30 -8.33
C TYR A 41 -0.83 6.09 -8.81
N GLU A 42 -0.82 5.06 -7.97
CA GLU A 42 -0.32 3.75 -8.36
C GLU A 42 -1.13 2.68 -7.66
N VAL A 43 -1.69 1.78 -8.44
CA VAL A 43 -2.43 0.64 -7.91
C VAL A 43 -1.44 -0.46 -7.48
N GLY A 44 -1.52 -0.84 -6.20
CA GLY A 44 -0.73 -1.96 -5.69
C GLY A 44 -1.64 -3.15 -5.41
N ALA A 45 -1.03 -4.28 -5.06
CA ALA A 45 -1.80 -5.52 -4.86
C ALA A 45 -2.76 -5.42 -3.66
N GLU A 47 -3.21 -2.11 -1.75
N GLU A 47 -3.20 -2.10 -1.72
CA GLU A 47 -3.55 -0.70 -1.52
CA GLU A 47 -3.70 -0.72 -1.60
C GLU A 47 -3.26 0.11 -2.80
C GLU A 47 -3.34 0.06 -2.86
N THR A 48 -4.02 1.17 -3.02
CA THR A 48 -3.74 2.12 -4.11
C THR A 48 -3.16 3.37 -3.47
N THR A 49 -2.03 3.83 -4.00
CA THR A 49 -1.35 5.02 -3.49
C THR A 49 -1.83 6.24 -4.28
N LEU A 50 -2.07 7.34 -3.57
CA LEU A 50 -2.44 8.64 -4.15
C LEU A 50 -1.50 9.75 -3.66
N GLU A 51 -1.30 10.77 -4.50
CA GLU A 51 -0.53 11.93 -4.08
C GLU A 51 -1.31 13.17 -4.50
N GLY A 52 -1.39 14.16 -3.61
CA GLY A 52 -2.08 15.41 -3.93
C GLY A 52 -2.64 16.10 -2.71
N GLU A 53 -3.64 16.93 -2.94
CA GLU A 53 -4.23 17.74 -1.88
C GLU A 53 -5.10 16.88 -0.94
N LEU A 54 -4.95 17.07 0.36
CA LEU A 54 -5.67 16.24 1.34
C LEU A 54 -7.16 16.10 1.05
N ASP A 55 -7.89 17.21 0.94
CA ASP A 55 -9.34 17.13 0.73
C ASP A 55 -9.72 16.49 -0.60
N VAL A 56 -8.94 16.77 -1.64
CA VAL A 56 -9.16 16.16 -2.96
C VAL A 56 -9.01 14.66 -2.85
N LEU A 57 -7.95 14.20 -2.22
CA LEU A 57 -7.72 12.77 -2.04
C LEU A 57 -8.79 12.09 -1.18
N LEU A 58 -9.17 12.70 -0.07
CA LEU A 58 -10.25 12.12 0.74
C LEU A 58 -11.57 12.04 -0.04
N ASP A 59 -11.84 13.03 -0.87
CA ASP A 59 -13.01 12.98 -1.72
C ASP A 59 -12.92 11.85 -2.76
N VAL A 60 -11.73 11.60 -3.29
CA VAL A 60 -11.52 10.44 -4.18
C VAL A 60 -11.87 9.14 -3.46
N VAL A 61 -11.39 8.99 -2.25
CA VAL A 61 -11.68 7.78 -1.48
C VAL A 61 -13.19 7.63 -1.21
N LYS A 62 -13.83 8.72 -0.78
CA LYS A 62 -15.28 8.69 -0.53
C LYS A 62 -16.05 8.27 -1.79
N ARG A 63 -15.64 8.79 -2.93
CA ARG A 63 -16.36 8.48 -4.16
C ARG A 63 -16.05 7.05 -4.61
N ALA A 64 -14.86 6.57 -4.28
CA ALA A 64 -14.44 5.20 -4.62
C ALA A 64 -15.28 4.22 -3.84
N GLN A 65 -15.43 4.44 -2.53
CA GLN A 65 -16.27 3.53 -1.75
C GLN A 65 -17.75 3.62 -2.19
N GLN A 66 -18.22 4.81 -2.54
CA GLN A 66 -19.59 4.93 -3.05
C GLN A 66 -19.73 4.21 -4.40
N ALA A 67 -18.70 4.26 -5.23
CA ALA A 67 -18.74 3.53 -6.52
C ALA A 67 -18.96 2.02 -6.29
N CYS A 68 -18.37 1.49 -5.23
CA CYS A 68 -18.56 0.08 -4.90
C CYS A 68 -20.04 -0.22 -4.63
N VAL A 69 -20.68 0.63 -3.82
CA VAL A 69 -22.10 0.49 -3.51
C VAL A 69 -22.96 0.65 -4.77
N ASP A 70 -22.63 1.65 -5.60
CA ASP A 70 -23.35 1.84 -6.85
C ASP A 70 -23.22 0.62 -7.79
N ALA A 71 -22.08 -0.07 -7.68
CA ALA A 71 -21.80 -1.26 -8.47
C ALA A 71 -22.48 -2.52 -7.91
N GLY A 72 -23.15 -2.40 -6.77
CA GLY A 72 -23.86 -3.53 -6.17
C GLY A 72 -23.40 -4.00 -4.80
N ALA A 73 -22.38 -3.36 -4.23
CA ALA A 73 -21.96 -3.73 -2.88
C ALA A 73 -23.00 -3.29 -1.86
N GLU A 74 -23.33 -4.18 -0.93
CA GLU A 74 -24.21 -3.84 0.18
C GLU A 74 -23.43 -3.10 1.27
N GLU A 75 -22.14 -3.40 1.39
CA GLU A 75 -21.29 -2.69 2.35
C GLU A 75 -19.85 -2.72 1.91
N VAL A 76 -19.03 -1.85 2.49
CA VAL A 76 -17.64 -1.76 2.10
C VAL A 76 -16.82 -1.51 3.35
N ILE A 77 -15.69 -2.19 3.47
CA ILE A 77 -14.71 -1.86 4.51
C ILE A 77 -13.59 -1.10 3.80
N THR A 78 -13.41 0.15 4.20
CA THR A 78 -12.45 1.04 3.52
C THR A 78 -11.30 1.34 4.47
N SER A 79 -10.07 1.15 3.99
CA SER A 79 -8.88 1.42 4.80
C SER A 79 -8.13 2.57 4.16
N ILE A 80 -7.58 3.45 5.00
CA ILE A 80 -6.85 4.62 4.52
C ILE A 80 -5.62 4.79 5.39
N LYS A 81 -4.49 5.13 4.76
CA LYS A 81 -3.33 5.56 5.51
C LYS A 81 -2.85 6.89 4.92
N ILE A 82 -2.61 7.87 5.78
CA ILE A 82 -2.22 9.19 5.32
C ILE A 82 -0.87 9.55 5.91
N HIS A 83 0.04 10.04 5.05
CA HIS A 83 1.28 10.66 5.52
C HIS A 83 1.08 12.16 5.43
N TYR A 84 0.96 12.79 6.60
CA TYR A 84 0.59 14.19 6.71
C TYR A 84 1.79 14.98 7.22
N ARG A 85 2.29 15.91 6.41
CA ARG A 85 3.42 16.75 6.77
C ARG A 85 3.13 18.12 6.17
N PRO A 86 2.19 18.87 6.77
CA PRO A 86 1.65 20.08 6.15
C PRO A 86 2.67 21.21 5.95
N SER A 87 3.78 21.18 6.69
CA SER A 87 4.80 22.23 6.55
C SER A 87 5.39 22.22 5.14
N THR A 88 5.93 21.08 4.72
CA THR A 88 6.71 21.02 3.47
C THR A 88 6.20 19.97 2.50
N GLY A 89 5.19 19.21 2.92
CA GLY A 89 4.56 18.21 2.06
C GLY A 89 5.34 16.92 2.03
N VAL A 90 4.70 15.88 1.50
CA VAL A 90 5.34 14.57 1.34
C VAL A 90 4.90 14.00 -0.01
N THR A 91 5.83 13.36 -0.70
CA THR A 91 5.62 12.86 -2.06
C THR A 91 5.93 11.37 -2.15
N ILE A 92 5.38 10.73 -3.19
CA ILE A 92 5.67 9.34 -3.45
C ILE A 92 7.18 9.17 -3.69
N ASP A 93 7.72 10.02 -4.55
CA ASP A 93 9.11 9.88 -4.97
C ASP A 93 10.09 9.94 -3.80
N GLU A 94 9.82 10.79 -2.81
CA GLU A 94 10.76 10.91 -1.71
C GLU A 94 10.81 9.62 -0.88
N LYS A 95 9.70 8.89 -0.85
CA LYS A 95 9.62 7.66 -0.06
C LYS A 95 10.11 6.42 -0.78
N VAL A 96 10.04 6.39 -2.12
CA VAL A 96 10.36 5.16 -2.85
C VAL A 96 11.63 5.20 -3.71
N TRP A 97 12.22 6.38 -3.91
CA TRP A 97 13.30 6.49 -4.90
C TRP A 97 14.48 5.58 -4.63
N LYS A 98 14.83 5.42 -3.35
CA LYS A 98 15.97 4.59 -2.95
C LYS A 98 15.73 3.11 -3.23
N TYR A 99 14.47 2.76 -3.46
CA TYR A 99 14.05 1.36 -3.37
C TYR A 99 13.49 0.79 -4.68
N ARG A 100 13.54 1.58 -5.74
CA ARG A 100 13.06 1.17 -7.04
C ARG A 100 14.09 1.42 -8.13
N ASP A 101 14.31 0.40 -8.94
CA ASP A 101 15.29 0.46 -10.05
C ASP A 101 14.96 1.51 -11.12
N GLU A 102 13.72 1.96 -11.20
CA GLU A 102 13.36 2.99 -12.19
C GLU A 102 13.96 4.38 -11.90
N TYR A 103 14.38 4.59 -10.65
CA TYR A 103 14.99 5.86 -10.24
C TYR A 103 16.50 5.84 -10.43
N ALA A 104 17.06 6.97 -10.85
CA ALA A 104 18.51 7.10 -11.02
C ALA A 104 19.12 7.85 -9.84
N SER B 5 -3.55 -23.68 -0.28
CA SER B 5 -2.35 -22.93 -0.65
C SER B 5 -2.02 -21.86 0.37
N GLN B 6 -0.77 -21.86 0.80
CA GLN B 6 -0.29 -20.84 1.71
C GLN B 6 0.38 -19.68 0.97
N GLN B 7 0.28 -19.67 -0.36
N GLN B 7 0.26 -19.65 -0.35
CA GLN B 7 0.81 -18.56 -1.14
CA GLN B 7 0.84 -18.55 -1.12
C GLN B 7 -0.09 -17.36 -0.98
C GLN B 7 -0.06 -17.33 -1.03
N VAL B 8 0.46 -16.30 -0.37
CA VAL B 8 -0.30 -15.08 -0.11
C VAL B 8 0.39 -13.85 -0.70
N THR B 9 -0.37 -12.75 -0.75
CA THR B 9 0.20 -11.44 -0.95
C THR B 9 -0.02 -10.69 0.36
N SER B 11 1.01 -6.83 2.55
CA SER B 11 1.71 -5.57 2.63
C SER B 11 2.01 -5.25 4.07
N PHE B 12 3.02 -4.43 4.32
CA PHE B 12 3.32 -4.05 5.67
C PHE B 12 4.01 -2.72 5.70
N SER B 13 3.99 -2.10 6.86
CA SER B 13 4.75 -0.91 7.09
C SER B 13 5.25 -0.89 8.54
N VAL B 14 6.34 -0.16 8.74
CA VAL B 14 6.87 0.06 10.07
C VAL B 14 6.99 1.55 10.30
N VAL B 15 6.48 2.01 11.42
CA VAL B 15 6.56 3.41 11.79
C VAL B 15 7.26 3.48 13.14
N PRO B 16 8.58 3.73 13.10
CA PRO B 16 9.40 3.75 14.30
C PRO B 16 9.41 5.08 15.04
N GLN B 17 9.64 5.01 16.35
CA GLN B 17 10.05 6.17 17.12
C GLN B 17 11.53 5.97 17.42
N ALA B 18 12.35 6.93 17.04
CA ALA B 18 13.80 6.83 17.30
C ALA B 18 14.36 8.21 17.60
N LYS B 19 14.55 8.49 18.89
CA LYS B 19 15.00 9.80 19.36
C LYS B 19 16.33 10.23 18.73
N THR B 20 17.20 9.26 18.46
CA THR B 20 18.58 9.52 18.06
C THR B 20 18.85 9.37 16.55
N LYS B 21 17.79 9.19 15.77
CA LYS B 21 17.90 8.82 14.36
C LYS B 21 16.84 9.51 13.53
N ASP B 22 17.14 9.77 12.26
N ASP B 22 17.16 9.75 12.26
CA ASP B 22 16.06 10.14 11.34
CA ASP B 22 16.14 10.07 11.25
C ASP B 22 15.34 8.85 10.96
C ASP B 22 15.34 8.80 11.03
N VAL B 23 14.02 8.93 10.95
CA VAL B 23 13.16 7.76 10.74
C VAL B 23 13.40 7.04 9.41
N TYR B 24 13.68 7.78 8.34
CA TYR B 24 14.01 7.18 7.04
C TYR B 24 15.19 6.21 7.12
N SER B 25 16.19 6.55 7.95
CA SER B 25 17.36 5.68 8.11
C SER B 25 17.03 4.39 8.84
N VAL B 26 16.12 4.49 9.82
CA VAL B 26 15.67 3.32 10.57
C VAL B 26 14.85 2.42 9.64
N VAL B 27 13.92 3.03 8.90
CA VAL B 27 13.07 2.26 7.99
C VAL B 27 13.90 1.57 6.91
N ASP B 28 15.02 2.20 6.54
CA ASP B 28 15.90 1.63 5.53
C ASP B 28 16.38 0.24 5.94
N LYS B 29 16.64 0.06 7.24
CA LYS B 29 17.14 -1.22 7.74
C LYS B 29 16.04 -2.26 7.75
N ALA B 30 14.80 -1.81 7.94
CA ALA B 30 13.65 -2.70 7.83
C ALA B 30 13.49 -3.14 6.37
N ILE B 31 13.60 -2.19 5.45
CA ILE B 31 13.51 -2.53 4.02
C ILE B 31 14.66 -3.46 3.61
N GLU B 32 15.83 -3.27 4.19
CA GLU B 32 16.95 -4.16 3.95
C GLU B 32 16.63 -5.64 4.27
N VAL B 33 15.88 -5.90 5.35
CA VAL B 33 15.44 -7.27 5.66
C VAL B 33 14.63 -7.83 4.48
N VAL B 34 13.73 -7.01 3.93
CA VAL B 34 12.91 -7.44 2.81
C VAL B 34 13.82 -7.72 1.62
N GLN B 35 14.72 -6.79 1.33
CA GLN B 35 15.62 -6.94 0.17
C GLN B 35 16.47 -8.20 0.24
N GLN B 36 16.84 -8.60 1.46
CA GLN B 36 17.72 -9.74 1.68
C GLN B 36 16.98 -11.08 1.78
N SER B 37 15.65 -11.04 1.76
CA SER B 37 14.85 -12.24 2.05
C SER B 37 14.77 -13.23 0.88
N GLY B 38 14.80 -12.71 -0.34
CA GLY B 38 14.62 -13.53 -1.54
C GLY B 38 13.20 -13.56 -2.10
N VAL B 39 12.24 -13.01 -1.37
CA VAL B 39 10.86 -13.02 -1.87
C VAL B 39 10.64 -11.87 -2.82
N ARG B 40 9.72 -12.05 -3.75
CA ARG B 40 9.29 -10.94 -4.60
C ARG B 40 8.66 -9.84 -3.76
N TYR B 41 9.03 -8.59 -4.03
CA TYR B 41 8.48 -7.47 -3.28
C TYR B 41 8.44 -6.21 -4.13
N GLU B 42 7.66 -5.24 -3.65
CA GLU B 42 7.70 -3.90 -4.20
C GLU B 42 7.51 -2.89 -3.08
N VAL B 43 8.43 -1.93 -2.98
CA VAL B 43 8.31 -0.89 -1.99
C VAL B 43 7.36 0.18 -2.54
N GLY B 44 6.31 0.46 -1.76
CA GLY B 44 5.39 1.57 -2.06
C GLY B 44 5.61 2.72 -1.09
N ALA B 45 4.99 3.86 -1.39
CA ALA B 45 5.15 5.03 -0.53
C ALA B 45 4.65 4.83 0.90
N GLU B 47 3.40 1.52 2.11
N GLU B 47 3.37 1.51 2.10
CA GLU B 47 3.61 0.14 2.56
CA GLU B 47 3.50 0.10 2.49
C GLU B 47 4.38 -0.65 1.51
C GLU B 47 4.46 -0.60 1.52
N THR B 48 5.00 -1.73 1.95
CA THR B 48 5.78 -2.59 1.07
C THR B 48 5.00 -3.89 0.85
N THR B 49 4.91 -4.31 -0.41
CA THR B 49 4.13 -5.48 -0.80
C THR B 49 5.07 -6.68 -0.96
N LEU B 50 4.64 -7.82 -0.44
CA LEU B 50 5.38 -9.09 -0.50
C LEU B 50 4.51 -10.17 -1.14
N GLU B 51 5.14 -11.13 -1.79
CA GLU B 51 4.42 -12.29 -2.29
C GLU B 51 5.20 -13.55 -1.89
N GLY B 52 4.49 -14.58 -1.41
CA GLY B 52 5.15 -15.84 -1.07
C GLY B 52 4.41 -16.62 0.01
N GLU B 53 5.11 -17.56 0.64
N GLU B 53 5.12 -17.55 0.65
CA GLU B 53 4.53 -18.42 1.68
CA GLU B 53 4.50 -18.40 1.66
C GLU B 53 4.18 -17.61 2.93
C GLU B 53 4.19 -17.62 2.94
N LEU B 54 2.96 -17.80 3.44
CA LEU B 54 2.49 -17.07 4.62
C LEU B 54 3.51 -17.01 5.78
N ASP B 55 4.01 -18.17 6.22
CA ASP B 55 4.93 -18.19 7.37
C ASP B 55 6.26 -17.47 7.09
N VAL B 56 6.76 -17.66 5.87
CA VAL B 56 8.00 -17.00 5.44
C VAL B 56 7.81 -15.48 5.48
N LEU B 57 6.69 -15.00 4.94
CA LEU B 57 6.41 -13.57 4.91
C LEU B 57 6.20 -12.99 6.31
N LEU B 58 5.49 -13.71 7.17
CA LEU B 58 5.32 -13.24 8.54
C LEU B 58 6.67 -13.10 9.26
N ASP B 59 7.58 -14.03 9.01
CA ASP B 59 8.92 -13.99 9.60
C ASP B 59 9.70 -12.77 9.05
N VAL B 60 9.54 -12.51 7.75
CA VAL B 60 10.15 -11.31 7.15
C VAL B 60 9.69 -10.05 7.89
N VAL B 61 8.38 -9.93 8.10
CA VAL B 61 7.84 -8.75 8.78
C VAL B 61 8.35 -8.66 10.22
N LYS B 62 8.35 -9.78 10.93
CA LYS B 62 8.85 -9.80 12.31
C LYS B 62 10.30 -9.34 12.36
N ARG B 63 11.10 -9.81 11.41
CA ARG B 63 12.50 -9.39 11.40
C ARG B 63 12.68 -7.94 10.96
N ALA B 64 11.81 -7.45 10.08
CA ALA B 64 11.83 -6.04 9.68
C ALA B 64 11.55 -5.14 10.89
N GLN B 65 10.54 -5.52 11.67
CA GLN B 65 10.20 -4.81 12.92
C GLN B 65 11.40 -4.80 13.88
N GLN B 66 12.02 -5.98 14.07
CA GLN B 66 13.20 -6.07 14.94
C GLN B 66 14.34 -5.20 14.42
N ALA B 67 14.53 -5.17 13.09
CA ALA B 67 15.59 -4.35 12.47
C ALA B 67 15.48 -2.87 12.84
N CYS B 68 14.24 -2.40 12.98
CA CYS B 68 14.00 -1.02 13.40
C CYS B 68 14.60 -0.77 14.78
N VAL B 69 14.33 -1.70 15.71
CA VAL B 69 14.85 -1.57 17.08
C VAL B 69 16.37 -1.67 17.05
N ASP B 70 16.89 -2.61 16.29
CA ASP B 70 18.34 -2.80 16.19
C ASP B 70 19.04 -1.58 15.59
N ALA B 71 18.30 -0.79 14.82
CA ALA B 71 18.82 0.41 14.17
C ALA B 71 18.66 1.65 15.05
N GLY B 72 18.00 1.46 16.20
CA GLY B 72 17.89 2.51 17.21
C GLY B 72 16.49 2.93 17.64
N ALA B 73 15.45 2.30 17.09
CA ALA B 73 14.09 2.66 17.45
C ALA B 73 13.80 2.25 18.89
N GLU B 74 13.18 3.15 19.65
CA GLU B 74 12.68 2.80 20.98
C GLU B 74 11.43 1.91 20.89
N GLU B 75 10.62 2.18 19.88
CA GLU B 75 9.38 1.43 19.67
C GLU B 75 9.03 1.49 18.21
N VAL B 76 8.10 0.64 17.80
CA VAL B 76 7.71 0.53 16.41
C VAL B 76 6.24 0.21 16.37
N ILE B 77 5.51 0.87 15.46
CA ILE B 77 4.15 0.46 15.15
C ILE B 77 4.22 -0.21 13.79
N THR B 78 3.88 -1.50 13.78
CA THR B 78 3.97 -2.31 12.57
C THR B 78 2.57 -2.67 12.08
N SER B 79 2.29 -2.37 10.81
CA SER B 79 0.98 -2.66 10.21
C SER B 79 1.15 -3.76 9.15
N ILE B 80 0.20 -4.68 9.08
CA ILE B 80 0.29 -5.81 8.16
C ILE B 80 -1.08 -6.02 7.56
N LYS B 81 -1.11 -6.38 6.28
CA LYS B 81 -2.35 -6.84 5.66
C LYS B 81 -2.08 -8.05 4.78
N ILE B 82 -2.90 -9.08 4.94
CA ILE B 82 -2.70 -10.38 4.29
C ILE B 82 -3.93 -10.67 3.43
N HIS B 83 -3.70 -11.11 2.19
CA HIS B 83 -4.76 -11.66 1.35
C HIS B 83 -4.54 -13.18 1.28
N TYR B 84 -5.46 -13.91 1.89
CA TYR B 84 -5.38 -15.35 2.01
C TYR B 84 -6.49 -16.01 1.19
N ARG B 85 -6.12 -16.93 0.30
CA ARG B 85 -7.07 -17.63 -0.56
C ARG B 85 -6.52 -19.02 -0.88
N PRO B 86 -6.67 -19.94 0.08
CA PRO B 86 -6.00 -21.24 -0.03
C PRO B 86 -6.45 -22.15 -1.20
N SER B 87 -7.58 -21.84 -1.84
CA SER B 87 -8.05 -22.65 -2.97
C SER B 87 -7.05 -22.60 -4.15
N THR B 88 -6.48 -21.42 -4.37
CA THR B 88 -5.62 -21.18 -5.53
C THR B 88 -4.34 -20.42 -5.19
N GLY B 89 -4.25 -19.84 -3.98
CA GLY B 89 -3.20 -18.86 -3.69
C GLY B 89 -3.54 -17.48 -4.27
N VAL B 90 -2.82 -16.44 -3.83
CA VAL B 90 -3.01 -15.08 -4.36
C VAL B 90 -1.65 -14.51 -4.75
N THR B 91 -1.61 -13.82 -5.89
CA THR B 91 -0.38 -13.24 -6.41
C THR B 91 -0.54 -11.75 -6.64
N ILE B 92 0.58 -11.04 -6.70
CA ILE B 92 0.58 -9.63 -7.01
C ILE B 92 -0.01 -9.37 -8.40
N ASP B 93 0.42 -10.16 -9.38
CA ASP B 93 0.03 -9.89 -10.77
C ASP B 93 -1.48 -10.04 -10.98
N GLU B 94 -2.09 -10.99 -10.28
CA GLU B 94 -3.53 -11.17 -10.45
C GLU B 94 -4.33 -9.94 -9.99
N LYS B 95 -3.78 -9.23 -8.99
CA LYS B 95 -4.48 -8.08 -8.43
C LYS B 95 -4.22 -6.78 -9.20
N VAL B 96 -3.04 -6.68 -9.85
CA VAL B 96 -2.67 -5.42 -10.48
C VAL B 96 -2.67 -5.36 -12.02
N TRP B 97 -2.77 -6.51 -12.69
CA TRP B 97 -2.62 -6.55 -14.15
C TRP B 97 -3.54 -5.61 -14.91
N LYS B 98 -4.77 -5.41 -14.42
CA LYS B 98 -5.75 -4.54 -15.07
C LYS B 98 -5.35 -3.07 -14.98
N TYR B 99 -4.45 -2.75 -14.06
CA TYR B 99 -4.32 -1.40 -13.54
C TYR B 99 -2.98 -0.72 -13.71
N ARG B 100 -2.06 -1.42 -14.36
CA ARG B 100 -0.73 -0.87 -14.64
C ARG B 100 -0.37 -1.05 -16.11
N ASP B 101 0.17 0.03 -16.70
N ASP B 101 0.14 0.00 -16.77
CA ASP B 101 0.58 0.07 -18.11
CA ASP B 101 0.43 -0.12 -18.20
C ASP B 101 1.58 -1.01 -18.50
C ASP B 101 1.71 -0.89 -18.57
N GLU B 102 2.44 -1.37 -17.56
CA GLU B 102 3.50 -2.36 -17.80
C GLU B 102 2.94 -3.75 -18.17
N TYR B 103 1.62 -3.95 -18.01
CA TYR B 103 0.96 -5.23 -18.31
C TYR B 103 0.28 -5.32 -19.68
N ALA B 104 0.63 -4.42 -20.59
CA ALA B 104 0.04 -4.40 -21.94
C ALA B 104 0.64 -5.48 -22.85
#